data_3OQH
#
_entry.id   3OQH
#
_cell.length_a   150.719
_cell.length_b   54.911
_cell.length_c   101.523
_cell.angle_alpha   90.000
_cell.angle_beta   130.660
_cell.angle_gamma   90.000
#
_symmetry.space_group_name_H-M   'C 1 2 1'
#
loop_
_entity.id
_entity.type
_entity.pdbx_description
1 polymer 'Putative uncharacterized protein yvmC'
2 non-polymer GLYCEROL
3 water water
#
_entity_poly.entity_id   1
_entity_poly.type   'polypeptide(L)'
_entity_poly.pdbx_seq_one_letter_code
;MTELIMESKHQLFKTETLTQNCNEILKRRRHVLVGISPFNSRFSEDYIHRLIAWAVREFQSVSVLLAGKEAANLLEALGT
PHGKAERKVRKEVSRNRRFAEKALEAHGGNPEDIHTFSDFANQTAYRNLRMEVEAAFFDQTHFRNACLEMSHAAILGRAR
GTRMDVVEVSADMLELAVEYVIAELPFFIAAPDILGVEETLLAYHRPWKLGEQISRNEFAVKMRPNQGYLMVSEADERVE
SKSMQEERVLEHHHHHH
;
_entity_poly.pdbx_strand_id   A,B
#
loop_
_chem_comp.id
_chem_comp.type
_chem_comp.name
_chem_comp.formula
GOL non-polymer GLYCEROL 'C3 H8 O3'
#
# COMPACT_ATOMS: atom_id res chain seq x y z
N LEU A 12 -13.00 -17.71 -1.77
CA LEU A 12 -13.01 -19.05 -1.17
C LEU A 12 -12.87 -18.98 0.35
N PHE A 13 -13.22 -17.84 0.93
CA PHE A 13 -13.22 -17.67 2.37
C PHE A 13 -14.48 -16.94 2.79
N LYS A 14 -15.07 -17.41 3.88
CA LYS A 14 -16.24 -16.74 4.46
C LYS A 14 -15.68 -15.83 5.53
N THR A 15 -16.35 -14.70 5.77
CA THR A 15 -15.89 -13.78 6.79
C THR A 15 -17.00 -13.39 7.76
N GLU A 16 -16.61 -13.13 9.00
CA GLU A 16 -17.51 -12.56 10.00
C GLU A 16 -16.75 -11.48 10.74
N THR A 17 -17.35 -10.30 10.90
CA THR A 17 -16.67 -9.21 11.58
C THR A 17 -17.10 -9.10 13.03
N LEU A 18 -16.24 -8.54 13.86
CA LEU A 18 -16.50 -8.40 15.30
C LEU A 18 -17.62 -7.38 15.59
N THR A 19 -17.54 -6.21 14.95
CA THR A 19 -18.54 -5.18 15.16
C THR A 19 -19.05 -4.71 13.82
N GLN A 20 -20.09 -3.87 13.84
CA GLN A 20 -20.57 -3.23 12.63
C GLN A 20 -19.52 -2.28 12.06
N ASN A 21 -18.78 -1.61 12.92
CA ASN A 21 -17.69 -0.74 12.48
C ASN A 21 -16.63 -1.55 11.72
N CYS A 22 -16.37 -2.76 12.20
CA CYS A 22 -15.45 -3.67 11.51
C CYS A 22 -15.97 -3.96 10.11
N ASN A 23 -17.27 -4.14 10.00
CA ASN A 23 -17.85 -4.44 8.70
C ASN A 23 -17.70 -3.27 7.73
N GLU A 24 -17.78 -2.05 8.25
CA GLU A 24 -17.58 -0.85 7.42
C GLU A 24 -16.13 -0.78 6.90
N ILE A 25 -15.16 -1.13 7.74
CA ILE A 25 -13.78 -1.18 7.28
C ILE A 25 -13.65 -2.27 6.21
N LEU A 26 -14.28 -3.41 6.47
CA LEU A 26 -14.22 -4.54 5.54
C LEU A 26 -14.71 -4.14 4.16
N LYS A 27 -15.84 -3.45 4.11
CA LYS A 27 -16.41 -3.02 2.85
C LYS A 27 -15.47 -2.16 2.02
N ARG A 28 -14.62 -1.38 2.67
CA ARG A 28 -13.69 -0.49 1.97
C ARG A 28 -12.42 -1.19 1.45
N ARG A 29 -12.13 -2.37 1.99
CA ARG A 29 -11.08 -3.24 1.46
C ARG A 29 -9.67 -2.62 1.37
N ARG A 30 -9.33 -1.71 2.26
CA ARG A 30 -8.03 -1.04 2.14
C ARG A 30 -6.84 -1.93 2.51
N HIS A 31 -6.93 -2.63 3.63
CA HIS A 31 -5.78 -3.35 4.14
C HIS A 31 -6.23 -4.44 5.08
N VAL A 32 -5.58 -5.58 5.01
CA VAL A 32 -5.85 -6.66 5.93
C VAL A 32 -4.50 -7.06 6.51
N LEU A 33 -4.49 -7.31 7.82
CA LEU A 33 -3.31 -7.80 8.49
C LEU A 33 -3.56 -9.28 8.81
N VAL A 34 -2.88 -10.17 8.10
CA VAL A 34 -3.12 -11.60 8.24
C VAL A 34 -2.28 -12.19 9.36
N GLY A 35 -2.94 -12.67 10.41
CA GLY A 35 -2.24 -13.24 11.55
C GLY A 35 -1.85 -14.69 11.31
N ILE A 36 -0.58 -15.01 11.50
CA ILE A 36 -0.10 -16.39 11.38
C ILE A 36 0.61 -16.75 12.67
N SER A 37 0.04 -17.70 13.40
CA SER A 37 0.61 -18.02 14.70
C SER A 37 1.43 -19.31 14.64
N PRO A 38 2.47 -19.38 15.46
CA PRO A 38 3.45 -20.48 15.46
C PRO A 38 2.88 -21.72 16.14
N PHE A 39 3.28 -22.90 15.67
CA PHE A 39 2.83 -24.17 16.26
C PHE A 39 1.32 -24.33 16.28
N ASN A 40 0.64 -23.71 15.32
CA ASN A 40 -0.80 -23.88 15.17
C ASN A 40 -1.06 -24.69 13.91
N SER A 41 -1.74 -25.83 14.07
CA SER A 41 -1.90 -26.76 12.96
C SER A 41 -2.70 -26.20 11.79
N ARG A 42 -3.42 -25.11 12.01
CA ARG A 42 -4.18 -24.48 10.93
C ARG A 42 -3.23 -24.02 9.81
N PHE A 43 -2.03 -23.60 10.19
CA PHE A 43 -1.15 -22.90 9.27
C PHE A 43 -0.17 -23.78 8.49
N SER A 44 -0.71 -24.73 7.76
CA SER A 44 0.12 -25.50 6.83
C SER A 44 0.56 -24.55 5.71
N GLU A 45 1.60 -24.95 4.98
CA GLU A 45 2.06 -24.14 3.86
C GLU A 45 0.92 -23.85 2.88
N ASP A 46 0.13 -24.88 2.59
CA ASP A 46 -0.94 -24.77 1.61
CA ASP A 46 -0.97 -24.78 1.63
C ASP A 46 -2.08 -23.85 2.09
N TYR A 47 -2.39 -23.88 3.38
CA TYR A 47 -3.40 -22.97 3.93
C TYR A 47 -2.91 -21.52 3.82
N ILE A 48 -1.67 -21.29 4.24
CA ILE A 48 -1.06 -19.95 4.15
C ILE A 48 -1.11 -19.44 2.71
N HIS A 49 -0.81 -20.29 1.75
CA HIS A 49 -0.86 -19.86 0.34
C HIS A 49 -2.28 -19.49 -0.08
N ARG A 50 -3.27 -20.29 0.32
CA ARG A 50 -4.65 -20.00 -0.06
C ARG A 50 -5.18 -18.73 0.59
N LEU A 51 -4.83 -18.55 1.86
CA LEU A 51 -5.31 -17.41 2.62
C LEU A 51 -4.71 -16.11 2.08
N ILE A 52 -3.41 -16.14 1.80
CA ILE A 52 -2.74 -14.96 1.25
C ILE A 52 -3.24 -14.63 -0.16
N ALA A 53 -3.45 -15.66 -0.97
CA ALA A 53 -4.00 -15.47 -2.32
C ALA A 53 -5.35 -14.78 -2.20
N TRP A 54 -6.17 -15.24 -1.26
CA TRP A 54 -7.46 -14.60 -1.02
C TRP A 54 -7.31 -13.15 -0.56
N ALA A 55 -6.41 -12.91 0.39
CA ALA A 55 -6.20 -11.56 0.91
C ALA A 55 -5.78 -10.59 -0.20
N VAL A 56 -4.82 -11.02 -1.01
CA VAL A 56 -4.31 -10.16 -2.09
C VAL A 56 -5.38 -9.85 -3.12
N ARG A 57 -6.24 -10.82 -3.37
CA ARG A 57 -7.36 -10.68 -4.30
C ARG A 57 -8.38 -9.69 -3.73
N GLU A 58 -8.66 -9.78 -2.44
CA GLU A 58 -9.77 -9.04 -1.86
C GLU A 58 -9.44 -7.61 -1.42
N PHE A 59 -8.21 -7.40 -0.94
CA PHE A 59 -7.82 -6.13 -0.33
C PHE A 59 -6.79 -5.37 -1.15
N GLN A 60 -6.81 -4.05 -1.04
CA GLN A 60 -5.86 -3.21 -1.75
C GLN A 60 -4.41 -3.50 -1.31
N SER A 61 -4.22 -3.72 0.00
CA SER A 61 -2.91 -4.00 0.57
C SER A 61 -2.99 -5.14 1.58
N VAL A 62 -1.93 -5.93 1.65
CA VAL A 62 -1.89 -7.07 2.56
C VAL A 62 -0.59 -7.05 3.34
N SER A 63 -0.69 -7.22 4.66
CA SER A 63 0.50 -7.41 5.47
C SER A 63 0.30 -8.65 6.32
N VAL A 64 1.39 -9.15 6.91
CA VAL A 64 1.31 -10.35 7.74
C VAL A 64 1.88 -10.09 9.14
N LEU A 65 1.21 -10.65 10.15
CA LEU A 65 1.71 -10.53 11.52
C LEU A 65 2.10 -11.90 12.08
N LEU A 66 3.34 -12.01 12.55
CA LEU A 66 3.88 -13.24 13.11
C LEU A 66 4.09 -13.03 14.60
N ALA A 67 4.26 -14.12 15.35
CA ALA A 67 4.54 -14.00 16.77
C ALA A 67 5.93 -13.43 17.02
N GLY A 68 6.02 -12.56 18.04
CA GLY A 68 7.28 -12.05 18.53
C GLY A 68 7.93 -12.97 19.56
N LYS A 69 8.93 -12.44 20.25
CA LYS A 69 9.75 -13.22 21.18
C LYS A 69 8.96 -13.88 22.29
N GLU A 70 7.85 -13.25 22.71
CA GLU A 70 7.06 -13.76 23.82
C GLU A 70 6.37 -15.09 23.54
N ALA A 71 6.39 -15.53 22.29
CA ALA A 71 5.90 -16.88 22.00
C ALA A 71 6.68 -17.93 22.80
N ALA A 72 7.91 -17.61 23.21
CA ALA A 72 8.69 -18.56 24.02
C ALA A 72 8.02 -18.80 25.37
N ASN A 73 7.39 -17.76 25.93
CA ASN A 73 6.62 -17.90 27.17
C ASN A 73 5.57 -19.02 27.09
N LEU A 74 4.96 -19.19 25.92
CA LEU A 74 3.93 -20.21 25.78
C LEU A 74 4.57 -21.59 25.93
N LEU A 75 5.75 -21.75 25.35
CA LEU A 75 6.50 -22.99 25.44
C LEU A 75 7.03 -23.20 26.85
N GLU A 76 7.55 -22.14 27.47
CA GLU A 76 8.06 -22.25 28.83
C GLU A 76 6.93 -22.64 29.79
N ALA A 77 5.72 -22.15 29.52
CA ALA A 77 4.58 -22.47 30.37
C ALA A 77 4.27 -23.96 30.32
N LEU A 78 4.63 -24.58 29.20
CA LEU A 78 4.42 -26.00 29.00
C LEU A 78 5.64 -26.82 29.40
N GLY A 79 6.59 -26.19 30.09
CA GLY A 79 7.74 -26.91 30.63
C GLY A 79 9.00 -26.91 29.79
N THR A 80 8.97 -26.24 28.64
CA THR A 80 10.17 -26.13 27.81
C THR A 80 11.17 -25.16 28.44
N PRO A 81 12.42 -25.62 28.66
CA PRO A 81 13.46 -24.74 29.21
C PRO A 81 13.59 -23.48 28.36
N HIS A 82 13.92 -22.34 28.97
CA HIS A 82 13.90 -21.07 28.24
CA HIS A 82 13.96 -21.04 28.28
C HIS A 82 14.82 -21.03 27.02
N GLY A 83 16.06 -21.51 27.16
CA GLY A 83 16.98 -21.51 26.03
C GLY A 83 16.41 -22.25 24.84
N LYS A 84 15.97 -23.47 25.08
CA LYS A 84 15.38 -24.30 24.04
C LYS A 84 14.10 -23.66 23.49
N ALA A 85 13.33 -23.03 24.36
CA ALA A 85 12.08 -22.41 23.92
C ALA A 85 12.35 -21.29 22.94
N GLU A 86 13.35 -20.45 23.24
CA GLU A 86 13.73 -19.37 22.34
C GLU A 86 14.15 -19.89 20.98
N ARG A 87 14.96 -20.96 20.95
CA ARG A 87 15.39 -21.53 19.67
C ARG A 87 14.25 -22.14 18.90
N LYS A 88 13.30 -22.77 19.60
CA LYS A 88 12.17 -23.40 18.93
C LYS A 88 11.27 -22.36 18.27
N VAL A 89 11.06 -21.25 18.97
CA VAL A 89 10.25 -20.16 18.45
C VAL A 89 10.89 -19.52 17.22
N ARG A 90 12.20 -19.29 17.29
CA ARG A 90 12.94 -18.72 16.17
C ARG A 90 12.78 -19.60 14.92
N LYS A 91 12.90 -20.91 15.11
CA LYS A 91 12.75 -21.89 14.03
C LYS A 91 11.34 -21.86 13.44
N GLU A 92 10.34 -21.88 14.30
CA GLU A 92 8.95 -21.95 13.84
C GLU A 92 8.52 -20.64 13.19
N VAL A 93 8.90 -19.52 13.79
CA VAL A 93 8.54 -18.22 13.24
C VAL A 93 9.29 -17.97 11.92
N SER A 94 10.57 -18.36 11.84
CA SER A 94 11.28 -18.24 10.57
C SER A 94 10.60 -19.10 9.49
N ARG A 95 10.11 -20.27 9.87
CA ARG A 95 9.33 -21.12 8.97
C ARG A 95 8.02 -20.44 8.53
N ASN A 96 7.27 -19.91 9.51
CA ASN A 96 6.04 -19.18 9.19
C ASN A 96 6.35 -18.09 8.16
N ARG A 97 7.43 -17.36 8.40
CA ARG A 97 7.80 -16.24 7.54
C ARG A 97 8.11 -16.69 6.12
N ARG A 98 8.84 -17.80 6.00
CA ARG A 98 9.25 -18.31 4.69
C ARG A 98 8.04 -18.68 3.83
N PHE A 99 7.04 -19.30 4.45
CA PHE A 99 5.78 -19.64 3.77
C PHE A 99 5.02 -18.39 3.35
N ALA A 100 4.95 -17.40 4.24
CA ALA A 100 4.26 -16.15 3.94
C ALA A 100 4.97 -15.38 2.83
N GLU A 101 6.29 -15.33 2.90
CA GLU A 101 7.08 -14.66 1.85
C GLU A 101 6.81 -15.28 0.47
N LYS A 102 6.86 -16.60 0.42
CA LYS A 102 6.65 -17.31 -0.83
C LYS A 102 5.25 -17.04 -1.39
N ALA A 103 4.25 -17.09 -0.51
CA ALA A 103 2.87 -16.83 -0.92
C ALA A 103 2.66 -15.39 -1.39
N LEU A 104 3.22 -14.43 -0.65
CA LEU A 104 3.11 -13.04 -1.05
C LEU A 104 3.75 -12.78 -2.43
N GLU A 105 4.96 -13.32 -2.63
CA GLU A 105 5.65 -13.18 -3.91
C GLU A 105 4.80 -13.72 -5.03
N ALA A 106 4.31 -14.94 -4.82
CA ALA A 106 3.54 -15.65 -5.85
C ALA A 106 2.28 -14.93 -6.28
N HIS A 107 1.66 -14.18 -5.37
CA HIS A 107 0.38 -13.55 -5.68
C HIS A 107 0.47 -12.04 -5.88
N GLY A 108 1.69 -11.52 -5.93
CA GLY A 108 1.90 -10.12 -6.25
C GLY A 108 1.95 -9.18 -5.06
N GLY A 109 1.94 -9.74 -3.85
CA GLY A 109 2.07 -8.92 -2.65
C GLY A 109 3.52 -8.55 -2.39
N ASN A 110 3.79 -7.85 -1.30
CA ASN A 110 5.16 -7.51 -0.92
C ASN A 110 5.66 -8.42 0.20
N PRO A 111 6.65 -9.25 -0.12
CA PRO A 111 7.23 -10.18 0.85
C PRO A 111 7.86 -9.48 2.06
N GLU A 112 8.17 -8.19 1.94
CA GLU A 112 8.77 -7.48 3.07
C GLU A 112 7.72 -7.01 4.08
N ASP A 113 6.46 -7.09 3.71
CA ASP A 113 5.39 -6.60 4.59
C ASP A 113 4.93 -7.66 5.58
N ILE A 114 5.92 -8.27 6.22
CA ILE A 114 5.70 -9.30 7.22
C ILE A 114 6.41 -8.84 8.48
N HIS A 115 5.67 -8.79 9.59
CA HIS A 115 6.18 -8.27 10.85
C HIS A 115 5.94 -9.24 12.01
N THR A 116 6.81 -9.25 13.00
CA THR A 116 6.48 -9.93 14.25
C THR A 116 6.06 -8.87 15.24
N PHE A 117 5.34 -9.27 16.29
CA PHE A 117 4.89 -8.26 17.24
C PHE A 117 6.02 -7.70 18.12
N SER A 118 7.24 -8.22 17.94
CA SER A 118 8.41 -7.68 18.64
C SER A 118 9.17 -6.60 17.84
N ASP A 119 8.83 -6.44 16.56
CA ASP A 119 9.66 -5.61 15.69
C ASP A 119 9.65 -4.13 16.03
N PHE A 120 8.74 -3.74 16.92
CA PHE A 120 8.48 -2.31 17.16
C PHE A 120 8.67 -1.95 18.61
N ALA A 121 9.52 -2.72 19.30
CA ALA A 121 9.70 -2.56 20.74
C ALA A 121 10.12 -1.16 21.09
N ASN A 122 10.88 -0.53 20.21
CA ASN A 122 11.38 0.82 20.47
C ASN A 122 10.62 1.91 19.73
N GLN A 123 9.47 1.56 19.16
CA GLN A 123 8.67 2.54 18.44
C GLN A 123 7.68 3.21 19.38
N THR A 124 7.54 4.52 19.25
CA THR A 124 6.63 5.28 20.10
C THR A 124 5.20 4.76 20.09
N ALA A 125 4.63 4.54 18.90
CA ALA A 125 3.26 4.05 18.80
C ALA A 125 3.07 2.74 19.56
N TYR A 126 3.92 1.75 19.26
CA TYR A 126 3.81 0.45 19.93
C TYR A 126 3.97 0.58 21.45
N ARG A 127 5.01 1.29 21.88
CA ARG A 127 5.28 1.43 23.31
C ARG A 127 4.10 2.06 24.04
N ASN A 128 3.50 3.08 23.42
CA ASN A 128 2.35 3.76 24.01
C ASN A 128 1.16 2.84 24.19
N LEU A 129 0.95 1.98 23.20
CA LEU A 129 -0.11 0.97 23.27
C LEU A 129 0.22 -0.09 24.32
N ARG A 130 1.47 -0.54 24.38
CA ARG A 130 1.87 -1.48 25.42
C ARG A 130 1.54 -0.90 26.79
N MET A 131 1.84 0.38 26.97
CA MET A 131 1.65 1.05 28.26
C MET A 131 0.18 1.04 28.66
N GLU A 132 -0.69 1.34 27.69
CA GLU A 132 -2.14 1.34 27.94
C GLU A 132 -2.66 -0.04 28.32
N VAL A 133 -2.18 -1.06 27.63
CA VAL A 133 -2.60 -2.42 27.92
C VAL A 133 -2.08 -2.87 29.29
N GLU A 134 -0.81 -2.57 29.57
CA GLU A 134 -0.21 -2.97 30.84
C GLU A 134 -0.90 -2.27 32.02
N ALA A 135 -1.19 -0.98 31.86
CA ALA A 135 -1.88 -0.24 32.91
C ALA A 135 -3.22 -0.87 33.24
N ALA A 136 -4.00 -1.20 32.20
CA ALA A 136 -5.29 -1.85 32.40
C ALA A 136 -5.12 -3.23 33.06
N PHE A 137 -4.16 -4.00 32.58
CA PHE A 137 -3.88 -5.32 33.12
C PHE A 137 -3.67 -5.24 34.64
N PHE A 138 -2.87 -4.29 35.10
CA PHE A 138 -2.54 -4.20 36.54
C PHE A 138 -3.66 -3.53 37.34
N ASP A 139 -4.31 -2.52 36.74
CA ASP A 139 -5.35 -1.76 37.42
C ASP A 139 -6.70 -2.49 37.51
N GLN A 140 -7.09 -3.15 36.41
CA GLN A 140 -8.46 -3.66 36.27
C GLN A 140 -8.53 -5.17 36.36
N THR A 141 -9.06 -5.67 37.47
CA THR A 141 -9.14 -7.11 37.69
C THR A 141 -9.86 -7.85 36.56
N HIS A 142 -10.94 -7.24 36.07
CA HIS A 142 -11.75 -7.80 35.00
CA HIS A 142 -11.71 -7.89 35.03
C HIS A 142 -10.94 -7.97 33.71
N PHE A 143 -10.11 -6.95 33.41
CA PHE A 143 -9.28 -7.01 32.20
C PHE A 143 -8.18 -8.04 32.38
N ARG A 144 -7.55 -8.04 33.54
CA ARG A 144 -6.48 -8.97 33.82
C ARG A 144 -6.97 -10.43 33.68
N ASN A 145 -8.15 -10.72 34.22
CA ASN A 145 -8.73 -12.05 34.11
C ASN A 145 -9.04 -12.44 32.66
N ALA A 146 -9.52 -11.48 31.87
CA ALA A 146 -9.79 -11.71 30.46
C ALA A 146 -8.50 -12.01 29.71
N CYS A 147 -7.43 -11.30 30.08
CA CYS A 147 -6.13 -11.54 29.44
C CYS A 147 -5.58 -12.92 29.77
N LEU A 148 -5.70 -13.32 31.03
CA LEU A 148 -5.22 -14.63 31.44
C LEU A 148 -5.99 -15.72 30.68
N GLU A 149 -7.28 -15.50 30.49
CA GLU A 149 -8.10 -16.42 29.73
C GLU A 149 -7.66 -16.45 28.25
N MET A 150 -7.33 -15.29 27.68
CA MET A 150 -6.79 -15.25 26.32
C MET A 150 -5.48 -16.05 26.27
N SER A 151 -4.65 -15.93 27.30
CA SER A 151 -3.35 -16.59 27.28
C SER A 151 -3.55 -18.10 27.42
N HIS A 152 -4.61 -18.49 28.11
CA HIS A 152 -4.93 -19.90 28.25
C HIS A 152 -5.26 -20.47 26.87
N ALA A 153 -6.08 -19.74 26.11
CA ALA A 153 -6.40 -20.12 24.74
C ALA A 153 -5.15 -20.22 23.88
N ALA A 154 -4.18 -19.34 24.13
CA ALA A 154 -2.94 -19.31 23.34
C ALA A 154 -2.09 -20.56 23.56
N ILE A 155 -2.17 -21.12 24.76
CA ILE A 155 -1.45 -22.34 25.13
C ILE A 155 -2.10 -23.56 24.49
N LEU A 156 -3.37 -23.43 24.12
CA LEU A 156 -4.13 -24.55 23.54
C LEU A 156 -3.93 -24.68 22.03
N VAL A 166 -2.49 -35.33 29.19
CA VAL A 166 -3.22 -34.11 29.53
C VAL A 166 -2.44 -33.27 30.54
N VAL A 167 -2.05 -32.07 30.12
CA VAL A 167 -1.37 -31.15 31.02
C VAL A 167 -2.40 -30.25 31.69
N GLU A 168 -2.33 -30.17 33.02
CA GLU A 168 -3.21 -29.26 33.75
C GLU A 168 -2.60 -27.85 33.72
N VAL A 169 -3.37 -26.87 33.27
CA VAL A 169 -2.92 -25.50 33.20
C VAL A 169 -3.06 -24.79 34.53
N SER A 170 -1.94 -24.37 35.11
CA SER A 170 -1.93 -23.73 36.42
C SER A 170 -1.91 -22.20 36.34
N ALA A 171 -2.16 -21.55 37.47
CA ALA A 171 -2.11 -20.09 37.53
C ALA A 171 -0.72 -19.60 37.15
N ASP A 172 0.30 -20.23 37.70
CA ASP A 172 1.68 -19.86 37.38
C ASP A 172 1.97 -20.00 35.90
N MET A 173 1.38 -21.01 35.25
CA MET A 173 1.57 -21.18 33.82
C MET A 173 1.00 -20.00 33.06
N LEU A 174 -0.19 -19.54 33.48
CA LEU A 174 -0.82 -18.42 32.80
C LEU A 174 -0.13 -17.09 33.06
N GLU A 175 0.45 -16.93 34.25
CA GLU A 175 1.17 -15.69 34.54
C GLU A 175 2.39 -15.57 33.63
N LEU A 176 2.92 -16.71 33.22
CA LEU A 176 4.03 -16.74 32.29
C LEU A 176 3.52 -16.50 30.87
N ALA A 177 2.49 -17.24 30.48
CA ALA A 177 1.94 -17.17 29.13
C ALA A 177 1.36 -15.81 28.77
N VAL A 178 0.85 -15.08 29.76
CA VAL A 178 0.10 -13.86 29.47
C VAL A 178 0.96 -12.73 28.91
N GLU A 179 2.29 -12.81 29.09
CA GLU A 179 3.17 -11.81 28.46
C GLU A 179 2.97 -11.82 26.95
N TYR A 180 2.67 -12.99 26.41
CA TYR A 180 2.41 -13.15 24.98
C TYR A 180 1.19 -12.31 24.57
N VAL A 181 0.11 -12.46 25.32
CA VAL A 181 -1.11 -11.71 25.08
C VAL A 181 -0.87 -10.21 25.17
N ILE A 182 -0.22 -9.77 26.24
CA ILE A 182 0.12 -8.36 26.40
C ILE A 182 0.95 -7.81 25.22
N ALA A 183 1.97 -8.56 24.80
CA ALA A 183 2.84 -8.12 23.70
C ALA A 183 2.12 -8.02 22.36
N GLU A 184 1.15 -8.89 22.12
CA GLU A 184 0.45 -8.90 20.83
C GLU A 184 -0.73 -7.93 20.79
N LEU A 185 -1.34 -7.64 21.94
CA LEU A 185 -2.59 -6.88 21.92
C LEU A 185 -2.57 -5.53 21.20
N PRO A 186 -1.45 -4.80 21.25
CA PRO A 186 -1.43 -3.54 20.50
C PRO A 186 -1.85 -3.73 19.04
N PHE A 187 -1.53 -4.86 18.42
CA PHE A 187 -1.89 -5.06 17.00
C PHE A 187 -3.36 -5.40 16.83
N PHE A 188 -4.01 -5.79 17.91
CA PHE A 188 -5.44 -6.15 17.90
C PHE A 188 -6.31 -4.90 18.10
N ILE A 189 -5.76 -3.87 18.72
CA ILE A 189 -6.52 -2.65 19.02
C ILE A 189 -6.13 -1.42 18.18
N ALA A 190 -4.91 -1.39 17.65
CA ALA A 190 -4.47 -0.21 16.93
C ALA A 190 -3.27 -0.47 16.01
N ALA A 191 -3.34 -1.55 15.25
CA ALA A 191 -2.27 -1.86 14.30
C ALA A 191 -1.95 -0.72 13.32
N PRO A 192 -2.98 0.04 12.89
CA PRO A 192 -2.66 1.17 11.99
C PRO A 192 -1.75 2.24 12.60
N ASP A 193 -1.81 2.45 13.91
CA ASP A 193 -0.88 3.36 14.59
C ASP A 193 0.56 2.85 14.42
N ILE A 194 0.70 1.54 14.46
CA ILE A 194 2.01 0.92 14.45
C ILE A 194 2.55 0.78 13.03
N LEU A 195 1.68 0.41 12.10
CA LEU A 195 2.10 0.09 10.75
C LEU A 195 2.01 1.27 9.79
N GLY A 196 1.30 2.33 10.18
CA GLY A 196 1.24 3.53 9.36
C GLY A 196 0.20 3.49 8.24
N VAL A 197 -0.61 2.43 8.23
CA VAL A 197 -1.70 2.32 7.26
C VAL A 197 -2.93 3.09 7.77
N GLU A 198 -3.83 3.41 6.86
CA GLU A 198 -4.99 4.23 7.21
C GLU A 198 -5.99 3.48 8.11
N GLU A 199 -6.22 2.22 7.79
CA GLU A 199 -7.14 1.39 8.57
C GLU A 199 -6.86 -0.07 8.22
N THR A 200 -7.28 -0.99 9.07
CA THR A 200 -7.00 -2.40 8.84
C THR A 200 -7.97 -3.34 9.56
N LEU A 201 -7.99 -4.58 9.12
CA LEU A 201 -8.60 -5.65 9.92
C LEU A 201 -7.52 -6.67 10.24
N LEU A 202 -7.50 -7.13 11.48
CA LEU A 202 -6.67 -8.29 11.83
C LEU A 202 -7.53 -9.50 11.45
N ALA A 203 -7.02 -10.33 10.55
CA ALA A 203 -7.77 -11.50 10.07
C ALA A 203 -7.18 -12.77 10.68
N TYR A 204 -8.06 -13.62 11.20
CA TYR A 204 -7.62 -14.81 11.91
C TYR A 204 -8.81 -15.77 11.92
N HIS A 205 -8.55 -17.04 12.18
CA HIS A 205 -9.58 -18.07 12.01
C HIS A 205 -10.29 -18.45 13.30
N ARG A 206 -9.79 -17.96 14.43
CA ARG A 206 -10.47 -18.18 15.72
C ARG A 206 -11.31 -16.96 16.08
N PRO A 207 -12.36 -17.17 16.90
CA PRO A 207 -13.09 -16.03 17.47
C PRO A 207 -12.16 -15.33 18.43
N TRP A 208 -12.48 -14.09 18.80
CA TRP A 208 -11.65 -13.35 19.75
C TRP A 208 -12.53 -12.85 20.90
N LYS A 209 -12.65 -13.67 21.94
CA LYS A 209 -13.55 -13.35 23.04
C LYS A 209 -13.17 -12.05 23.73
N LEU A 210 -11.88 -11.83 23.95
CA LEU A 210 -11.46 -10.60 24.61
C LEU A 210 -11.91 -9.40 23.77
N GLY A 211 -11.80 -9.52 22.46
CA GLY A 211 -12.24 -8.46 21.56
C GLY A 211 -13.72 -8.18 21.68
N GLU A 212 -14.50 -9.22 21.91
CA GLU A 212 -15.94 -9.03 22.10
C GLU A 212 -16.15 -8.18 23.36
N GLN A 213 -15.41 -8.49 24.42
CA GLN A 213 -15.50 -7.73 25.65
C GLN A 213 -15.01 -6.30 25.47
N ILE A 214 -13.92 -6.13 24.72
CA ILE A 214 -13.40 -4.79 24.45
C ILE A 214 -14.43 -3.94 23.69
N SER A 215 -15.14 -4.57 22.75
CA SER A 215 -16.13 -3.86 21.93
C SER A 215 -17.34 -3.40 22.75
N ARG A 216 -17.62 -4.08 23.86
CA ARG A 216 -18.70 -3.67 24.76
C ARG A 216 -18.22 -2.69 25.83
N ASN A 217 -17.07 -2.07 25.58
CA ASN A 217 -16.50 -1.07 26.48
C ASN A 217 -16.31 -1.52 27.92
N GLU A 218 -15.95 -2.79 28.09
CA GLU A 218 -15.81 -3.35 29.44
C GLU A 218 -14.48 -2.98 30.12
N PHE A 219 -13.53 -2.44 29.36
CA PHE A 219 -12.20 -2.20 29.88
C PHE A 219 -11.71 -0.79 29.60
N ALA A 220 -10.61 -0.41 30.22
CA ALA A 220 -9.98 0.87 29.91
C ALA A 220 -9.45 0.84 28.48
N VAL A 221 -9.16 -0.37 27.99
CA VAL A 221 -8.59 -0.56 26.67
C VAL A 221 -9.67 -0.48 25.58
N LYS A 222 -9.43 0.32 24.54
CA LYS A 222 -10.39 0.45 23.45
C LYS A 222 -9.80 0.05 22.09
N MET A 223 -10.60 -0.60 21.26
CA MET A 223 -10.19 -0.78 19.86
C MET A 223 -10.37 0.54 19.13
N ARG A 224 -9.37 0.95 18.35
CA ARG A 224 -9.42 2.21 17.62
C ARG A 224 -10.48 2.15 16.52
N PRO A 225 -11.03 3.30 16.11
CA PRO A 225 -12.09 3.29 15.07
C PRO A 225 -11.60 2.83 13.71
N ASN A 226 -10.29 2.87 13.47
CA ASN A 226 -9.77 2.38 12.19
C ASN A 226 -9.17 0.97 12.29
N GLN A 227 -9.54 0.25 13.34
CA GLN A 227 -9.10 -1.13 13.52
C GLN A 227 -10.31 -2.05 13.61
N GLY A 228 -10.30 -3.13 12.84
CA GLY A 228 -11.35 -4.12 12.95
C GLY A 228 -10.84 -5.52 13.22
N TYR A 229 -11.74 -6.45 13.53
CA TYR A 229 -11.36 -7.84 13.63
C TYR A 229 -12.18 -8.67 12.66
N LEU A 230 -11.50 -9.48 11.87
CA LEU A 230 -12.11 -10.26 10.81
C LEU A 230 -11.84 -11.73 11.06
N MET A 231 -12.89 -12.50 11.31
CA MET A 231 -12.72 -13.94 11.46
C MET A 231 -12.94 -14.60 10.10
N VAL A 232 -11.95 -15.37 9.62
CA VAL A 232 -12.04 -16.00 8.30
C VAL A 232 -12.21 -17.51 8.41
N SER A 233 -13.00 -18.09 7.52
CA SER A 233 -13.25 -19.52 7.51
C SER A 233 -13.30 -20.02 6.07
N GLU A 234 -12.68 -21.16 5.83
CA GLU A 234 -12.67 -21.72 4.46
C GLU A 234 -14.08 -21.98 3.93
N ALA A 235 -14.33 -21.56 2.70
CA ALA A 235 -15.65 -21.72 2.09
C ALA A 235 -15.63 -22.80 1.02
N GLN B 11 4.82 -7.76 -30.69
CA GLN B 11 4.05 -6.52 -30.58
C GLN B 11 3.35 -6.46 -29.23
N LEU B 12 4.08 -6.02 -28.21
CA LEU B 12 3.56 -6.03 -26.85
C LEU B 12 2.49 -4.95 -26.63
N PHE B 13 2.61 -3.84 -27.37
CA PHE B 13 1.71 -2.71 -27.22
C PHE B 13 1.37 -2.08 -28.58
N LYS B 14 0.14 -1.59 -28.72
CA LYS B 14 -0.24 -0.77 -29.86
C LYS B 14 -0.13 0.69 -29.41
N THR B 15 0.00 1.61 -30.35
CA THR B 15 0.16 3.02 -29.98
C THR B 15 -0.70 3.96 -30.82
N GLU B 16 -1.03 5.11 -30.22
CA GLU B 16 -1.67 6.21 -30.95
C GLU B 16 -1.04 7.51 -30.50
N THR B 17 -0.70 8.38 -31.44
CA THR B 17 -0.09 9.65 -31.12
C THR B 17 -1.14 10.75 -31.02
N LEU B 18 -0.84 11.79 -30.22
CA LEU B 18 -1.77 12.89 -30.01
C LEU B 18 -1.90 13.75 -31.27
N THR B 19 -0.77 14.09 -31.88
CA THR B 19 -0.76 14.97 -33.04
C THR B 19 0.14 14.41 -34.12
N GLN B 20 0.14 15.05 -35.29
CA GLN B 20 1.02 14.65 -36.36
C GLN B 20 2.48 14.89 -35.98
N ASN B 21 2.72 15.97 -35.25
CA ASN B 21 4.05 16.26 -34.76
C ASN B 21 4.57 15.19 -33.81
N CYS B 22 3.67 14.65 -32.99
CA CYS B 22 3.99 13.53 -32.11
C CYS B 22 4.43 12.33 -32.92
N ASN B 23 3.77 12.11 -34.05
CA ASN B 23 4.14 11.00 -34.92
C ASN B 23 5.51 11.17 -35.59
N GLU B 24 5.88 12.41 -35.88
CA GLU B 24 7.21 12.69 -36.40
C GLU B 24 8.31 12.38 -35.38
N ILE B 25 8.03 12.70 -34.11
CA ILE B 25 8.93 12.33 -33.03
C ILE B 25 9.00 10.81 -32.93
N LEU B 26 7.84 10.17 -32.89
CA LEU B 26 7.75 8.73 -32.79
C LEU B 26 8.62 8.05 -33.85
N LYS B 27 8.53 8.50 -35.09
CA LYS B 27 9.25 7.82 -36.17
C LYS B 27 10.76 7.83 -35.95
N ARG B 28 11.25 8.81 -35.21
CA ARG B 28 12.69 8.89 -34.93
C ARG B 28 13.15 8.01 -33.77
N ARG B 29 12.23 7.66 -32.89
CA ARG B 29 12.49 6.67 -31.82
C ARG B 29 13.67 7.01 -30.91
N ARG B 30 13.90 8.30 -30.68
CA ARG B 30 15.03 8.68 -29.85
C ARG B 30 14.82 8.37 -28.38
N HIS B 31 13.62 8.66 -27.87
CA HIS B 31 13.42 8.60 -26.43
C HIS B 31 11.95 8.50 -26.03
N VAL B 32 11.66 7.68 -25.02
CA VAL B 32 10.30 7.60 -24.50
C VAL B 32 10.34 7.74 -22.98
N LEU B 33 9.42 8.54 -22.45
CA LEU B 33 9.30 8.67 -21.01
C LEU B 33 8.06 7.86 -20.60
N VAL B 34 8.27 6.73 -19.92
CA VAL B 34 7.14 5.86 -19.56
C VAL B 34 6.54 6.30 -18.22
N GLY B 35 5.26 6.68 -18.26
CA GLY B 35 4.57 7.12 -17.05
C GLY B 35 4.04 5.93 -16.27
N ILE B 36 4.35 5.88 -14.98
CA ILE B 36 3.86 4.82 -14.11
C ILE B 36 3.20 5.46 -12.91
N SER B 37 1.91 5.20 -12.73
CA SER B 37 1.12 5.74 -11.62
C SER B 37 1.10 4.84 -10.38
N PRO B 38 1.11 5.44 -9.20
CA PRO B 38 1.17 4.67 -7.94
C PRO B 38 -0.19 4.14 -7.51
N PHE B 39 -1.25 4.60 -8.16
CA PHE B 39 -2.58 4.18 -7.74
C PHE B 39 -3.34 3.44 -8.83
N ASN B 40 -3.01 3.71 -10.08
CA ASN B 40 -3.76 3.12 -11.19
C ASN B 40 -3.67 1.61 -11.19
N SER B 41 -4.81 0.93 -11.40
CA SER B 41 -4.86 -0.54 -11.30
C SER B 41 -3.98 -1.29 -12.31
N ARG B 42 -3.59 -0.63 -13.40
CA ARG B 42 -2.80 -1.32 -14.42
C ARG B 42 -1.42 -1.78 -13.99
N PHE B 43 -0.84 -1.13 -12.99
CA PHE B 43 0.61 -1.22 -12.78
C PHE B 43 1.12 -2.35 -11.88
N SER B 44 0.74 -3.57 -12.26
CA SER B 44 1.28 -4.78 -11.67
C SER B 44 2.73 -4.94 -12.08
N GLU B 45 3.45 -5.80 -11.39
CA GLU B 45 4.83 -6.07 -11.78
C GLU B 45 4.90 -6.55 -13.22
N ASP B 46 3.95 -7.41 -13.60
CA ASP B 46 3.95 -8.01 -14.93
C ASP B 46 3.69 -6.98 -16.03
N TYR B 47 2.78 -6.04 -15.79
CA TYR B 47 2.51 -5.00 -16.76
C TYR B 47 3.72 -4.08 -16.92
N ILE B 48 4.30 -3.67 -15.79
CA ILE B 48 5.49 -2.81 -15.82
C ILE B 48 6.64 -3.48 -16.60
N HIS B 49 6.84 -4.78 -16.40
CA HIS B 49 7.90 -5.47 -17.12
C HIS B 49 7.66 -5.52 -18.63
N ARG B 50 6.42 -5.80 -19.02
CA ARG B 50 6.09 -5.86 -20.45
C ARG B 50 6.17 -4.48 -21.11
N LEU B 51 5.77 -3.46 -20.37
CA LEU B 51 5.76 -2.08 -20.86
C LEU B 51 7.18 -1.58 -21.10
N ILE B 52 8.06 -1.85 -20.14
CA ILE B 52 9.44 -1.41 -20.25
C ILE B 52 10.18 -2.26 -21.27
N ALA B 53 9.90 -3.55 -21.31
CA ALA B 53 10.49 -4.40 -22.36
C ALA B 53 10.15 -3.83 -23.73
N TRP B 54 8.87 -3.51 -23.94
CA TRP B 54 8.43 -2.94 -25.21
C TRP B 54 9.19 -1.63 -25.48
N ALA B 55 9.21 -0.75 -24.49
CA ALA B 55 9.89 0.54 -24.62
C ALA B 55 11.35 0.40 -25.04
N VAL B 56 12.09 -0.47 -24.37
CA VAL B 56 13.52 -0.63 -24.65
C VAL B 56 13.74 -1.25 -26.02
N ARG B 57 12.77 -2.07 -26.45
CA ARG B 57 12.85 -2.67 -27.77
C ARG B 57 12.61 -1.65 -28.88
N GLU B 58 11.78 -0.65 -28.59
CA GLU B 58 11.31 0.24 -29.64
C GLU B 58 11.99 1.61 -29.67
N PHE B 59 12.60 2.02 -28.56
CA PHE B 59 13.24 3.35 -28.48
C PHE B 59 14.70 3.26 -28.12
N GLN B 60 15.51 4.18 -28.65
CA GLN B 60 16.94 4.20 -28.31
C GLN B 60 17.18 4.34 -26.82
N SER B 61 16.45 5.25 -26.18
CA SER B 61 16.58 5.48 -24.75
C SER B 61 15.21 5.48 -24.09
N VAL B 62 15.17 4.99 -22.86
CA VAL B 62 13.93 4.86 -22.11
C VAL B 62 14.11 5.43 -20.71
N SER B 63 13.21 6.33 -20.32
CA SER B 63 13.19 6.82 -18.95
C SER B 63 11.83 6.52 -18.33
N VAL B 64 11.76 6.57 -17.01
CA VAL B 64 10.50 6.32 -16.30
C VAL B 64 10.11 7.51 -15.43
N LEU B 65 8.84 7.87 -15.48
CA LEU B 65 8.33 8.94 -14.63
C LEU B 65 7.38 8.38 -13.57
N LEU B 66 7.78 8.51 -12.31
CA LEU B 66 6.93 8.10 -11.18
C LEU B 66 6.31 9.31 -10.49
N ALA B 67 5.34 9.06 -9.63
CA ALA B 67 4.65 10.16 -8.95
C ALA B 67 5.52 10.80 -7.87
N GLY B 68 5.45 12.13 -7.78
CA GLY B 68 6.10 12.82 -6.69
C GLY B 68 5.15 13.03 -5.53
N LYS B 69 5.51 13.95 -4.64
CA LYS B 69 4.81 14.10 -3.36
C LYS B 69 3.32 14.37 -3.52
N GLU B 70 2.95 15.14 -4.54
CA GLU B 70 1.54 15.60 -4.68
C GLU B 70 0.56 14.46 -4.96
N ALA B 71 1.07 13.27 -5.24
CA ALA B 71 0.20 12.10 -5.32
C ALA B 71 -0.61 11.94 -4.02
N ALA B 72 -0.07 12.42 -2.92
CA ALA B 72 -0.77 12.32 -1.63
C ALA B 72 -2.09 13.12 -1.64
N ASN B 73 -2.16 14.17 -2.45
CA ASN B 73 -3.39 14.97 -2.56
C ASN B 73 -4.57 14.18 -3.07
N LEU B 74 -4.32 13.25 -3.96
CA LEU B 74 -5.39 12.41 -4.47
C LEU B 74 -6.00 11.59 -3.33
N LEU B 75 -5.13 10.95 -2.55
CA LEU B 75 -5.58 10.19 -1.38
C LEU B 75 -6.31 11.08 -0.38
N GLU B 76 -5.71 12.23 -0.07
CA GLU B 76 -6.36 13.18 0.82
C GLU B 76 -7.74 13.58 0.31
N ALA B 77 -7.85 13.70 -1.02
CA ALA B 77 -9.13 14.06 -1.64
C ALA B 77 -10.19 13.06 -1.25
N LEU B 78 -9.76 11.82 -1.05
CA LEU B 78 -10.65 10.71 -0.77
C LEU B 78 -10.78 10.46 0.74
N GLY B 79 -10.34 11.42 1.53
CA GLY B 79 -10.54 11.37 2.96
C GLY B 79 -9.39 10.78 3.75
N THR B 80 -8.35 10.32 3.06
CA THR B 80 -7.18 9.80 3.74
C THR B 80 -6.45 10.92 4.46
N PRO B 81 -6.20 10.73 5.76
CA PRO B 81 -5.47 11.71 6.57
C PRO B 81 -4.09 11.99 5.99
N HIS B 82 -3.63 13.22 6.14
CA HIS B 82 -2.36 13.66 5.54
C HIS B 82 -1.21 12.69 5.82
N GLY B 83 -0.98 12.37 7.09
CA GLY B 83 0.14 11.52 7.45
C GLY B 83 0.07 10.15 6.79
N LYS B 84 -1.11 9.55 6.80
CA LYS B 84 -1.34 8.24 6.18
C LYS B 84 -1.11 8.31 4.67
N ALA B 85 -1.53 9.42 4.07
CA ALA B 85 -1.40 9.58 2.63
C ALA B 85 0.08 9.61 2.20
N GLU B 86 0.89 10.41 2.91
CA GLU B 86 2.32 10.53 2.63
CA GLU B 86 2.31 10.52 2.62
C GLU B 86 3.01 9.17 2.68
N ARG B 87 2.69 8.40 3.71
CA ARG B 87 3.28 7.07 3.90
C ARG B 87 2.87 6.14 2.78
N LYS B 88 1.60 6.22 2.39
CA LYS B 88 1.07 5.35 1.35
C LYS B 88 1.73 5.64 0.00
N VAL B 89 1.87 6.92 -0.34
CA VAL B 89 2.53 7.31 -1.58
C VAL B 89 3.96 6.81 -1.60
N ARG B 90 4.69 6.98 -0.51
CA ARG B 90 6.08 6.56 -0.47
C ARG B 90 6.20 5.05 -0.69
N LYS B 91 5.27 4.28 -0.12
CA LYS B 91 5.27 2.84 -0.30
C LYS B 91 4.93 2.43 -1.74
N GLU B 92 3.88 3.03 -2.30
CA GLU B 92 3.47 2.67 -3.65
C GLU B 92 4.49 3.09 -4.69
N VAL B 93 5.10 4.26 -4.50
CA VAL B 93 6.14 4.70 -5.42
C VAL B 93 7.39 3.83 -5.31
N SER B 94 7.75 3.41 -4.10
CA SER B 94 8.91 2.53 -3.96
C SER B 94 8.66 1.20 -4.66
N ARG B 95 7.44 0.69 -4.54
CA ARG B 95 7.04 -0.53 -5.24
C ARG B 95 7.17 -0.33 -6.76
N ASN B 96 6.59 0.74 -7.28
CA ASN B 96 6.73 1.09 -8.69
C ASN B 96 8.20 1.10 -9.12
N ARG B 97 9.02 1.75 -8.30
CA ARG B 97 10.44 1.91 -8.59
C ARG B 97 11.18 0.58 -8.68
N ARG B 98 10.96 -0.29 -7.70
CA ARG B 98 11.65 -1.57 -7.68
C ARG B 98 11.29 -2.41 -8.92
N PHE B 99 10.01 -2.40 -9.29
CA PHE B 99 9.57 -3.12 -10.47
C PHE B 99 10.20 -2.54 -11.76
N ALA B 100 10.24 -1.21 -11.85
CA ALA B 100 10.81 -0.56 -13.03
C ALA B 100 12.32 -0.77 -13.11
N GLU B 101 13.01 -0.73 -11.96
CA GLU B 101 14.46 -0.96 -11.94
C GLU B 101 14.78 -2.36 -12.47
N LYS B 102 14.05 -3.35 -11.98
CA LYS B 102 14.27 -4.73 -12.41
C LYS B 102 13.98 -4.91 -13.89
N ALA B 103 12.89 -4.30 -14.36
CA ALA B 103 12.54 -4.40 -15.77
C ALA B 103 13.56 -3.72 -16.67
N LEU B 104 14.05 -2.54 -16.26
CA LEU B 104 15.06 -1.86 -17.06
C LEU B 104 16.33 -2.70 -17.13
N GLU B 105 16.78 -3.20 -15.98
CA GLU B 105 17.96 -4.07 -15.95
C GLU B 105 17.78 -5.28 -16.85
N ALA B 106 16.65 -5.96 -16.68
CA ALA B 106 16.37 -7.19 -17.39
C ALA B 106 16.43 -7.00 -18.91
N HIS B 107 16.13 -5.79 -19.39
CA HIS B 107 16.02 -5.59 -20.82
C HIS B 107 17.10 -4.70 -21.45
N GLY B 108 18.14 -4.39 -20.68
CA GLY B 108 19.27 -3.64 -21.21
C GLY B 108 19.13 -2.15 -21.05
N GLY B 109 18.10 -1.72 -20.33
CA GLY B 109 17.95 -0.31 -19.99
C GLY B 109 18.79 0.06 -18.77
N ASN B 110 18.70 1.32 -18.37
CA ASN B 110 19.47 1.82 -17.22
C ASN B 110 18.51 2.15 -16.07
N PRO B 111 18.59 1.39 -14.98
CA PRO B 111 17.69 1.54 -13.82
C PRO B 111 17.85 2.88 -13.13
N GLU B 112 18.87 3.64 -13.50
CA GLU B 112 19.05 4.98 -12.97
C GLU B 112 18.16 6.01 -13.67
N ASP B 113 17.61 5.66 -14.84
CA ASP B 113 16.78 6.60 -15.60
C ASP B 113 15.32 6.59 -15.13
N ILE B 114 15.15 6.65 -13.81
CA ILE B 114 13.83 6.67 -13.20
C ILE B 114 13.73 7.94 -12.35
N HIS B 115 12.67 8.72 -12.55
CA HIS B 115 12.52 10.01 -11.88
C HIS B 115 11.11 10.14 -11.32
N THR B 116 10.94 10.91 -10.24
CA THR B 116 9.60 11.30 -9.81
C THR B 116 9.40 12.77 -10.21
N PHE B 117 8.16 13.21 -10.32
CA PHE B 117 7.95 14.60 -10.72
C PHE B 117 8.30 15.60 -9.61
N SER B 118 8.77 15.12 -8.47
CA SER B 118 9.25 15.99 -7.39
C SER B 118 10.78 16.13 -7.41
N ASP B 119 11.46 15.41 -8.29
CA ASP B 119 12.93 15.39 -8.24
C ASP B 119 13.56 16.67 -8.73
N PHE B 120 12.75 17.55 -9.31
CA PHE B 120 13.30 18.73 -9.95
C PHE B 120 12.73 20.00 -9.37
N ALA B 121 12.34 19.94 -8.10
CA ALA B 121 11.63 21.05 -7.45
C ALA B 121 12.46 22.34 -7.49
N ASN B 122 13.78 22.21 -7.41
CA ASN B 122 14.64 23.38 -7.39
C ASN B 122 15.28 23.69 -8.73
N GLN B 123 14.87 22.97 -9.77
CA GLN B 123 15.46 23.13 -11.09
C GLN B 123 14.78 24.27 -11.85
N THR B 124 15.58 25.07 -12.55
CA THR B 124 15.02 26.20 -13.29
C THR B 124 13.96 25.79 -14.32
N ALA B 125 14.27 24.83 -15.17
CA ALA B 125 13.34 24.42 -16.21
C ALA B 125 12.01 23.97 -15.60
N TYR B 126 12.08 23.01 -14.68
CA TYR B 126 10.84 22.55 -14.02
C TYR B 126 10.09 23.70 -13.33
N ARG B 127 10.80 24.53 -12.57
CA ARG B 127 10.14 25.63 -11.88
C ARG B 127 9.45 26.58 -12.85
N ASN B 128 10.12 26.91 -13.94
CA ASN B 128 9.55 27.79 -14.97
C ASN B 128 8.26 27.20 -15.54
N LEU B 129 8.32 25.93 -15.90
CA LEU B 129 7.15 25.24 -16.44
C LEU B 129 6.03 25.16 -15.41
N ARG B 130 6.35 24.87 -14.15
CA ARG B 130 5.28 24.83 -13.14
C ARG B 130 4.63 26.20 -12.94
N MET B 131 5.42 27.27 -13.02
CA MET B 131 4.86 28.61 -12.93
C MET B 131 3.92 28.94 -14.08
N GLU B 132 4.27 28.49 -15.27
CA GLU B 132 3.42 28.67 -16.44
C GLU B 132 2.09 27.95 -16.29
N VAL B 133 2.13 26.70 -15.82
CA VAL B 133 0.91 25.92 -15.61
C VAL B 133 0.04 26.50 -14.49
N GLU B 134 0.66 26.87 -13.38
CA GLU B 134 -0.10 27.48 -12.29
C GLU B 134 -0.75 28.79 -12.71
N ALA B 135 -0.01 29.63 -13.44
CA ALA B 135 -0.57 30.89 -13.89
C ALA B 135 -1.83 30.68 -14.75
N ALA B 136 -1.74 29.76 -15.71
CA ALA B 136 -2.89 29.42 -16.53
C ALA B 136 -4.04 28.87 -15.69
N PHE B 137 -3.72 28.03 -14.71
CA PHE B 137 -4.74 27.47 -13.83
C PHE B 137 -5.55 28.58 -13.15
N PHE B 138 -4.85 29.60 -12.63
CA PHE B 138 -5.51 30.67 -11.91
C PHE B 138 -6.12 31.73 -12.84
N ASP B 139 -5.50 31.95 -14.00
CA ASP B 139 -5.97 32.98 -14.93
C ASP B 139 -7.11 32.56 -15.85
N GLN B 140 -7.16 31.27 -16.21
CA GLN B 140 -8.06 30.81 -17.27
C GLN B 140 -8.99 29.74 -16.76
N THR B 141 -10.27 30.08 -16.64
CA THR B 141 -11.23 29.15 -16.09
C THR B 141 -11.37 27.90 -16.96
N HIS B 142 -11.18 28.08 -18.26
CA HIS B 142 -11.24 26.93 -19.16
C HIS B 142 -10.06 25.99 -18.96
N PHE B 143 -8.89 26.54 -18.65
CA PHE B 143 -7.77 25.67 -18.31
C PHE B 143 -7.96 25.07 -16.91
N ARG B 144 -8.40 25.87 -15.95
CA ARG B 144 -8.72 25.34 -14.63
C ARG B 144 -9.67 24.14 -14.73
N ASN B 145 -10.73 24.32 -15.51
CA ASN B 145 -11.72 23.25 -15.67
C ASN B 145 -11.13 22.00 -16.32
N ALA B 146 -10.25 22.21 -17.30
CA ALA B 146 -9.57 21.09 -17.95
C ALA B 146 -8.68 20.34 -16.96
N CYS B 147 -7.96 21.07 -16.12
CA CYS B 147 -7.16 20.48 -15.06
C CYS B 147 -8.00 19.69 -14.04
N LEU B 148 -9.12 20.27 -13.63
CA LEU B 148 -10.01 19.57 -12.70
C LEU B 148 -10.52 18.24 -13.30
N GLU B 149 -10.79 18.23 -14.60
CA GLU B 149 -11.25 17.00 -15.25
C GLU B 149 -10.12 15.97 -15.31
N MET B 150 -8.91 16.44 -15.54
CA MET B 150 -7.75 15.55 -15.50
C MET B 150 -7.60 14.94 -14.10
N SER B 151 -7.87 15.72 -13.05
CA SER B 151 -7.73 15.16 -11.70
C SER B 151 -8.87 14.20 -11.37
N HIS B 152 -10.04 14.45 -11.93
CA HIS B 152 -11.16 13.52 -11.86
C HIS B 152 -10.76 12.17 -12.48
N ALA B 153 -10.16 12.21 -13.67
CA ALA B 153 -9.65 11.00 -14.32
C ALA B 153 -8.63 10.25 -13.45
N ALA B 154 -7.79 11.01 -12.75
CA ALA B 154 -6.74 10.41 -11.93
C ALA B 154 -7.33 9.69 -10.71
N ILE B 155 -8.45 10.20 -10.21
CA ILE B 155 -9.15 9.57 -9.08
C ILE B 155 -9.80 8.24 -9.47
N LEU B 156 -10.18 8.11 -10.74
CA LEU B 156 -10.81 6.87 -11.23
C LEU B 156 -9.77 5.80 -11.54
N GLY B 157 -10.21 4.54 -11.57
CA GLY B 157 -9.39 3.43 -12.00
C GLY B 157 -8.27 2.99 -11.05
N ARG B 158 -8.44 3.29 -9.76
CA ARG B 158 -7.41 2.97 -8.78
C ARG B 158 -7.53 1.53 -8.26
N ALA B 159 -6.40 0.94 -7.91
CA ALA B 159 -6.42 -0.38 -7.31
C ALA B 159 -7.15 -0.21 -5.99
N ARG B 160 -8.15 -1.04 -5.75
CA ARG B 160 -8.97 -0.89 -4.54
C ARG B 160 -9.52 -2.23 -4.06
N GLY B 161 -8.80 -3.31 -4.37
CA GLY B 161 -9.27 -4.65 -3.99
C GLY B 161 -10.62 -4.90 -4.64
N THR B 162 -11.53 -5.55 -3.90
CA THR B 162 -12.86 -5.83 -4.45
C THR B 162 -13.91 -4.84 -3.94
N ARG B 163 -13.45 -3.68 -3.47
CA ARG B 163 -14.38 -2.67 -2.99
C ARG B 163 -15.47 -2.43 -4.02
N MET B 164 -16.73 -2.47 -3.56
CA MET B 164 -17.90 -2.52 -4.43
C MET B 164 -18.56 -1.17 -4.68
N ASP B 165 -18.38 -0.22 -3.77
CA ASP B 165 -19.11 1.02 -3.87
C ASP B 165 -18.47 2.01 -4.84
N VAL B 166 -19.31 2.90 -5.37
CA VAL B 166 -18.86 3.99 -6.20
C VAL B 166 -18.65 5.23 -5.34
N VAL B 167 -17.43 5.76 -5.37
CA VAL B 167 -17.14 6.99 -4.64
C VAL B 167 -17.57 8.20 -5.47
N GLU B 168 -18.50 8.98 -4.94
CA GLU B 168 -18.94 10.19 -5.63
C GLU B 168 -17.85 11.24 -5.53
N VAL B 169 -17.54 11.89 -6.65
CA VAL B 169 -16.52 12.92 -6.61
C VAL B 169 -17.15 14.31 -6.63
N SER B 170 -16.82 15.12 -5.63
CA SER B 170 -17.37 16.45 -5.50
C SER B 170 -16.36 17.45 -6.01
N ALA B 171 -16.81 18.68 -6.23
CA ALA B 171 -15.92 19.77 -6.64
C ALA B 171 -14.81 19.97 -5.61
N ASP B 172 -15.15 19.87 -4.33
CA ASP B 172 -14.16 20.04 -3.27
C ASP B 172 -13.05 19.01 -3.40
N MET B 173 -13.42 17.79 -3.80
CA MET B 173 -12.46 16.70 -3.92
C MET B 173 -11.51 16.99 -5.06
N LEU B 174 -12.04 17.46 -6.18
CA LEU B 174 -11.18 17.80 -7.32
C LEU B 174 -10.24 18.97 -7.02
N GLU B 175 -10.73 19.93 -6.24
CA GLU B 175 -9.89 21.06 -5.85
C GLU B 175 -8.69 20.61 -5.02
N LEU B 176 -8.87 19.57 -4.22
CA LEU B 176 -7.75 19.02 -3.45
C LEU B 176 -6.84 18.17 -4.35
N ALA B 177 -7.45 17.36 -5.21
CA ALA B 177 -6.69 16.43 -6.04
C ALA B 177 -5.87 17.12 -7.15
N VAL B 178 -6.31 18.28 -7.61
CA VAL B 178 -5.75 18.89 -8.81
C VAL B 178 -4.28 19.30 -8.65
N GLU B 179 -3.82 19.43 -7.41
CA GLU B 179 -2.41 19.74 -7.19
C GLU B 179 -1.51 18.68 -7.82
N TYR B 180 -2.00 17.45 -7.90
CA TYR B 180 -1.27 16.35 -8.52
C TYR B 180 -1.05 16.62 -10.01
N VAL B 181 -2.14 17.00 -10.67
CA VAL B 181 -2.11 17.37 -12.09
C VAL B 181 -1.17 18.55 -12.38
N ILE B 182 -1.29 19.62 -11.61
CA ILE B 182 -0.40 20.78 -11.75
C ILE B 182 1.08 20.36 -11.63
N ALA B 183 1.40 19.54 -10.62
CA ALA B 183 2.80 19.12 -10.44
C ALA B 183 3.37 18.24 -11.55
N GLU B 184 2.53 17.43 -12.20
CA GLU B 184 3.03 16.50 -13.22
C GLU B 184 3.02 17.11 -14.63
N LEU B 185 2.17 18.11 -14.83
CA LEU B 185 2.00 18.68 -16.17
C LEU B 185 3.26 19.19 -16.87
N PRO B 186 4.23 19.75 -16.12
CA PRO B 186 5.45 20.15 -16.83
C PRO B 186 6.06 19.00 -17.65
N PHE B 187 5.87 17.77 -17.20
CA PHE B 187 6.42 16.62 -17.93
C PHE B 187 5.59 16.22 -19.15
N PHE B 188 4.36 16.69 -19.22
CA PHE B 188 3.51 16.45 -20.38
C PHE B 188 3.73 17.47 -21.47
N ILE B 189 4.34 18.61 -21.11
CA ILE B 189 4.49 19.70 -22.08
C ILE B 189 5.93 20.00 -22.48
N ALA B 190 6.87 19.64 -21.63
CA ALA B 190 8.27 19.95 -21.93
C ALA B 190 9.29 19.09 -21.18
N ALA B 191 9.03 17.78 -21.12
CA ALA B 191 9.97 16.88 -20.46
C ALA B 191 11.42 17.04 -20.93
N PRO B 192 11.64 17.32 -22.23
CA PRO B 192 13.04 17.39 -22.67
C PRO B 192 13.81 18.53 -22.00
N ASP B 193 13.13 19.62 -21.69
CA ASP B 193 13.78 20.73 -21.01
C ASP B 193 14.15 20.35 -19.60
N ILE B 194 13.38 19.44 -19.01
CA ILE B 194 13.61 19.04 -17.64
C ILE B 194 14.67 17.93 -17.58
N LEU B 195 14.57 16.97 -18.51
CA LEU B 195 15.43 15.79 -18.48
C LEU B 195 16.74 15.96 -19.24
N GLY B 196 16.83 17.00 -20.07
CA GLY B 196 18.03 17.25 -20.84
C GLY B 196 18.18 16.28 -22.01
N VAL B 197 17.08 16.00 -22.69
CA VAL B 197 17.12 15.19 -23.90
C VAL B 197 16.64 16.03 -25.06
N GLU B 198 16.90 15.57 -26.29
CA GLU B 198 16.55 16.35 -27.47
C GLU B 198 15.05 16.39 -27.75
N GLU B 199 14.38 15.26 -27.57
CA GLU B 199 12.94 15.16 -27.77
C GLU B 199 12.43 13.90 -27.10
N THR B 200 11.15 13.87 -26.80
CA THR B 200 10.60 12.69 -26.14
C THR B 200 9.11 12.58 -26.38
N LEU B 201 8.59 11.38 -26.09
CA LEU B 201 7.16 11.17 -25.99
C LEU B 201 6.86 10.65 -24.59
N LEU B 202 5.86 11.22 -23.95
CA LEU B 202 5.36 10.66 -22.70
C LEU B 202 4.38 9.57 -23.09
N ALA B 203 4.59 8.36 -22.56
CA ALA B 203 3.78 7.19 -22.92
C ALA B 203 2.89 6.78 -21.75
N TYR B 204 1.59 6.70 -21.99
CA TYR B 204 0.66 6.32 -20.93
C TYR B 204 -0.56 5.71 -21.62
N HIS B 205 -1.37 4.95 -20.88
CA HIS B 205 -2.43 4.17 -21.50
C HIS B 205 -3.80 4.84 -21.52
N ARG B 206 -3.93 5.99 -20.87
CA ARG B 206 -5.18 6.77 -20.94
C ARG B 206 -5.11 7.78 -22.10
N PRO B 207 -6.28 8.21 -22.60
CA PRO B 207 -6.30 9.36 -23.51
C PRO B 207 -5.94 10.60 -22.71
N TRP B 208 -5.54 11.67 -23.38
CA TRP B 208 -5.23 12.91 -22.69
C TRP B 208 -6.02 14.05 -23.32
N LYS B 209 -7.27 14.24 -22.87
CA LYS B 209 -8.14 15.26 -23.44
C LYS B 209 -7.56 16.67 -23.31
N LEU B 210 -7.01 16.95 -22.14
CA LEU B 210 -6.42 18.26 -21.92
C LEU B 210 -5.31 18.49 -22.97
N GLY B 211 -4.61 17.42 -23.36
CA GLY B 211 -3.55 17.56 -24.35
C GLY B 211 -4.09 17.92 -25.73
N GLU B 212 -5.25 17.35 -26.04
CA GLU B 212 -5.92 17.67 -27.30
C GLU B 212 -6.22 19.18 -27.36
N GLN B 213 -6.69 19.73 -26.24
CA GLN B 213 -7.02 21.14 -26.18
C GLN B 213 -5.77 22.01 -26.24
N ILE B 214 -4.73 21.59 -25.52
CA ILE B 214 -3.46 22.31 -25.55
C ILE B 214 -2.91 22.38 -26.97
N SER B 215 -3.03 21.28 -27.70
CA SER B 215 -2.47 21.18 -29.04
C SER B 215 -3.23 22.09 -30.01
N ARG B 216 -4.45 22.45 -29.63
CA ARG B 216 -5.25 23.37 -30.44
C ARG B 216 -5.07 24.83 -30.03
N ASN B 217 -4.09 25.09 -29.17
CA ASN B 217 -3.75 26.46 -28.73
C ASN B 217 -4.91 27.14 -27.98
N GLU B 218 -5.64 26.34 -27.21
CA GLU B 218 -6.78 26.84 -26.43
C GLU B 218 -6.40 27.46 -25.09
N PHE B 219 -5.15 27.26 -24.65
CA PHE B 219 -4.71 27.69 -23.32
C PHE B 219 -3.45 28.56 -23.38
N ALA B 220 -3.16 29.26 -22.29
CA ALA B 220 -1.92 30.03 -22.16
C ALA B 220 -0.70 29.08 -22.14
N VAL B 221 -0.92 27.86 -21.66
CA VAL B 221 0.08 26.80 -21.65
C VAL B 221 0.27 26.17 -23.04
N LYS B 222 1.53 25.95 -23.42
CA LYS B 222 1.86 25.38 -24.74
C LYS B 222 2.65 24.08 -24.64
N MET B 223 2.39 23.15 -25.55
CA MET B 223 3.20 21.94 -25.64
C MET B 223 4.40 22.27 -26.51
N ARG B 224 5.59 21.94 -26.03
CA ARG B 224 6.80 22.23 -26.78
C ARG B 224 6.87 21.33 -28.03
N PRO B 225 7.55 21.81 -29.08
CA PRO B 225 7.56 21.07 -30.35
C PRO B 225 8.40 19.79 -30.31
N ASN B 226 9.25 19.62 -29.29
CA ASN B 226 10.02 18.39 -29.14
C ASN B 226 9.43 17.47 -28.07
N GLN B 227 8.18 17.72 -27.71
CA GLN B 227 7.43 16.88 -26.78
C GLN B 227 6.22 16.30 -27.49
N GLY B 228 6.00 15.00 -27.32
CA GLY B 228 4.79 14.38 -27.84
C GLY B 228 4.05 13.57 -26.79
N TYR B 229 2.86 13.08 -27.13
CA TYR B 229 2.14 12.18 -26.25
C TYR B 229 1.81 10.91 -26.99
N LEU B 230 2.08 9.77 -26.36
CA LEU B 230 1.93 8.49 -27.01
C LEU B 230 1.00 7.62 -26.18
N MET B 231 -0.17 7.33 -26.70
CA MET B 231 -1.10 6.50 -25.96
C MET B 231 -0.84 5.03 -26.26
N VAL B 232 -0.45 4.26 -25.24
CA VAL B 232 -0.10 2.85 -25.47
C VAL B 232 -1.25 1.94 -25.00
N SER B 233 -1.37 0.77 -25.61
CA SER B 233 -2.33 -0.23 -25.11
C SER B 233 -1.80 -1.66 -25.28
N GLU B 234 -1.80 -2.44 -24.20
CA GLU B 234 -1.24 -3.79 -24.24
C GLU B 234 -2.04 -4.59 -25.25
N ALA B 235 -1.33 -5.31 -26.11
CA ALA B 235 -1.97 -6.08 -27.18
C ALA B 235 -1.85 -7.58 -26.92
C1 GOL C . 16.47 10.81 -18.50
O1 GOL C . 16.44 9.63 -17.71
C2 GOL C . 17.87 11.13 -18.99
O2 GOL C . 18.71 11.32 -17.86
C3 GOL C . 18.43 9.99 -19.83
O3 GOL C . 17.70 9.85 -21.03
#